data_8K8B
#
_entry.id   8K8B
#
_entity_poly.entity_id   1
_entity_poly.type   'polyribonucleotide'
_entity_poly.pdbx_seq_one_letter_code
;GGAUCCUUUCGAGGGAUCC
;
_entity_poly.pdbx_strand_id   A
#
loop_
_chem_comp.id
_chem_comp.type
_chem_comp.name
_chem_comp.formula
A RNA linking ADENOSINE-5'-MONOPHOSPHATE 'C10 H14 N5 O7 P'
C RNA linking CYTIDINE-5'-MONOPHOSPHATE 'C9 H14 N3 O8 P'
G RNA linking GUANOSINE-5'-MONOPHOSPHATE 'C10 H14 N5 O8 P'
U RNA linking URIDINE-5'-MONOPHOSPHATE 'C9 H13 N2 O9 P'
#